data_3UCO
#
_entry.id   3UCO
#
_cell.length_a   75.478
_cell.length_b   75.478
_cell.length_c   222.405
_cell.angle_alpha   90.00
_cell.angle_beta   90.00
_cell.angle_gamma   90.00
#
_symmetry.space_group_name_H-M   'P 43 21 2'
#
loop_
_entity.id
_entity.type
_entity.pdbx_description
1 polymer 'Carbonic anhydrase'
2 non-polymer 'ZINC ION'
3 non-polymer 'IODIDE ION'
4 water water
#
_entity_poly.entity_id   1
_entity_poly.type   'polypeptide(L)'
_entity_poly.pdbx_seq_one_letter_code
;MSAKDTADLSPLLEANRKWADECAAKDSTYFSKVAGSQAPEYLYIGCADSRVSPAQLFNMAPGEVFVQRNVGNLVSNKDL
NCMSCLEYTVDHLKIKHILVCGHYNCGACKAGLVWHPKTAGVTNLWISDVREVRDKNAAKLHGLSADDAWDKMVELNVEA
QVFNVCASPIVQAAWARGQPLSVHGIVYTPGTGLVKELIKPITGMEDAGALLRADLKQHCFFSESLA
;
_entity_poly.pdbx_strand_id   A,B
#
loop_
_chem_comp.id
_chem_comp.type
_chem_comp.name
_chem_comp.formula
IOD non-polymer 'IODIDE ION' 'I -1'
ZN non-polymer 'ZINC ION' 'Zn 2'
#
# COMPACT_ATOMS: atom_id res chain seq x y z
N THR A 6 -21.67 7.33 16.77
CA THR A 6 -20.53 7.16 17.74
C THR A 6 -19.18 7.31 16.94
N ALA A 7 -19.00 6.37 15.99
CA ALA A 7 -17.95 6.37 14.99
C ALA A 7 -18.50 6.59 13.53
N ASP A 8 -19.36 7.58 13.37
CA ASP A 8 -19.90 8.07 12.10
C ASP A 8 -18.82 8.48 11.03
N LEU A 9 -19.05 8.14 9.76
CA LEU A 9 -18.15 8.60 8.68
C LEU A 9 -18.53 9.89 7.95
N SER A 10 -19.69 10.46 8.30
CA SER A 10 -20.21 11.68 7.68
C SER A 10 -19.21 12.79 7.32
N PRO A 11 -18.33 13.16 8.26
CA PRO A 11 -17.33 14.18 7.94
C PRO A 11 -16.33 13.79 6.87
N LEU A 12 -16.05 12.49 6.75
CA LEU A 12 -15.19 12.02 5.68
C LEU A 12 -15.94 12.07 4.36
N LEU A 13 -17.19 11.61 4.38
CA LEU A 13 -18.04 11.68 3.20
C LEU A 13 -18.31 13.15 2.71
N GLU A 14 -18.63 14.08 3.62
CA GLU A 14 -18.73 15.51 3.25
C GLU A 14 -17.45 15.96 2.61
N ALA A 15 -16.30 15.71 3.24
CA ALA A 15 -15.02 16.11 2.67
C ALA A 15 -14.74 15.51 1.28
N ASN A 16 -15.16 14.27 1.04
CA ASN A 16 -14.93 13.61 -0.27
C ASN A 16 -15.79 14.25 -1.35
N ARG A 17 -17.05 14.48 -1.02
CA ARG A 17 -18.01 15.09 -1.93
C ARG A 17 -17.59 16.53 -2.28
N LYS A 18 -17.22 17.29 -1.27
CA LYS A 18 -16.75 18.62 -1.48
C LYS A 18 -15.51 18.59 -2.38
N TRP A 19 -14.53 17.74 -2.07
CA TRP A 19 -13.35 17.55 -2.95
C TRP A 19 -13.69 17.15 -4.39
N ALA A 20 -14.48 16.09 -4.58
CA ALA A 20 -14.83 15.61 -5.94
C ALA A 20 -15.46 16.71 -6.73
N ASP A 21 -16.29 17.51 -6.07
CA ASP A 21 -17.01 18.64 -6.67
C ASP A 21 -16.07 19.69 -7.15
N GLU A 22 -15.25 20.19 -6.25
CA GLU A 22 -14.21 21.14 -6.64
C GLU A 22 -13.38 20.68 -7.82
N CYS A 23 -12.97 19.41 -7.86
CA CYS A 23 -12.07 19.00 -8.95
C CYS A 23 -12.75 18.97 -10.30
N ALA A 24 -14.03 18.61 -10.34
CA ALA A 24 -14.73 18.40 -11.61
C ALA A 24 -15.20 19.76 -12.13
N ALA A 25 -15.52 20.68 -11.19
CA ALA A 25 -15.83 22.09 -11.54
C ALA A 25 -14.63 22.76 -12.23
N LYS A 26 -13.41 22.55 -11.69
CA LYS A 26 -12.14 22.94 -12.35
C LYS A 26 -11.93 22.31 -13.75
N ASP A 27 -12.00 20.98 -13.84
CA ASP A 27 -11.78 20.20 -15.09
C ASP A 27 -12.86 19.11 -15.20
N SER A 28 -13.70 19.20 -16.22
CA SER A 28 -14.95 18.45 -16.18
C SER A 28 -14.77 16.97 -16.51
N THR A 29 -13.58 16.61 -17.00
CA THR A 29 -13.29 15.19 -17.30
C THR A 29 -12.20 14.61 -16.41
N TYR A 30 -11.85 15.36 -15.35
CA TYR A 30 -10.94 14.92 -14.29
C TYR A 30 -11.19 13.44 -13.87
N PHE A 31 -12.45 13.09 -13.60
CA PHE A 31 -12.73 11.73 -13.20
C PHE A 31 -13.10 10.83 -14.38
N SER A 32 -13.98 11.34 -15.24
CA SER A 32 -14.64 10.56 -16.28
C SER A 32 -13.66 9.99 -17.27
N LYS A 33 -12.53 10.68 -17.48
CA LYS A 33 -11.56 10.16 -18.43
C LYS A 33 -10.84 8.85 -17.96
N VAL A 34 -10.84 8.59 -16.63
CA VAL A 34 -10.32 7.38 -16.01
C VAL A 34 -11.45 6.48 -15.43
N ALA A 35 -12.70 6.75 -15.81
CA ALA A 35 -13.86 5.92 -15.42
C ALA A 35 -13.74 4.45 -15.79
N GLY A 36 -13.01 4.13 -16.86
CA GLY A 36 -13.11 2.79 -17.45
C GLY A 36 -11.73 2.20 -17.71
N SER A 37 -10.66 2.89 -17.35
CA SER A 37 -9.35 2.25 -17.41
C SER A 37 -8.33 3.15 -16.71
N GLN A 38 -7.06 2.69 -16.67
CA GLN A 38 -5.92 3.42 -16.15
C GLN A 38 -4.71 3.11 -17.00
N ALA A 39 -3.80 4.05 -17.02
CA ALA A 39 -2.55 3.95 -17.76
C ALA A 39 -1.53 4.79 -16.96
N PRO A 40 -1.27 4.40 -15.69
CA PRO A 40 -0.25 5.14 -14.98
C PRO A 40 1.14 4.89 -15.61
N GLU A 41 2.05 5.83 -15.40
CA GLU A 41 3.44 5.65 -15.83
C GLU A 41 4.40 5.31 -14.71
N TYR A 42 3.97 5.53 -13.47
CA TYR A 42 4.73 5.23 -12.25
C TYR A 42 4.10 4.11 -11.42
N LEU A 43 4.98 3.22 -10.95
CA LEU A 43 4.67 2.39 -9.83
C LEU A 43 5.38 3.02 -8.66
N TYR A 44 4.73 3.19 -7.53
CA TYR A 44 5.46 3.72 -6.40
C TYR A 44 5.43 2.74 -5.25
N ILE A 45 6.61 2.42 -4.68
CA ILE A 45 6.72 1.56 -3.52
C ILE A 45 7.23 2.40 -2.32
N GLY A 46 6.40 2.64 -1.31
CA GLY A 46 6.86 3.37 -0.15
C GLY A 46 6.20 2.88 1.12
N CYS A 47 6.28 3.70 2.18
CA CYS A 47 5.93 3.28 3.50
C CYS A 47 4.51 3.50 3.80
N ALA A 48 3.92 2.59 4.58
CA ALA A 48 2.51 2.73 5.03
C ALA A 48 2.29 3.96 5.92
N ASP A 49 3.36 4.57 6.40
CA ASP A 49 3.36 5.75 7.25
C ASP A 49 2.33 6.80 6.86
N SER A 50 1.59 7.33 7.82
CA SER A 50 0.52 8.29 7.53
C SER A 50 0.96 9.72 7.11
N ARG A 51 2.26 10.00 7.13
CA ARG A 51 2.73 11.30 6.68
C ARG A 51 3.28 11.24 5.29
N VAL A 52 3.11 10.13 4.56
CA VAL A 52 3.78 10.03 3.26
C VAL A 52 2.85 9.57 2.11
N SER A 53 2.09 10.51 1.47
CA SER A 53 1.19 10.12 0.36
C SER A 53 1.71 10.51 -0.96
N PRO A 54 2.13 9.53 -1.74
CA PRO A 54 2.78 9.89 -2.95
C PRO A 54 1.87 10.78 -3.80
N ALA A 55 0.59 10.52 -3.82
CA ALA A 55 -0.27 11.26 -4.72
C ALA A 55 -0.26 12.72 -4.41
N GLN A 56 -0.18 13.06 -3.15
CA GLN A 56 -0.30 14.44 -2.79
C GLN A 56 1.02 15.18 -2.67
N LEU A 57 2.11 14.46 -2.49
CA LEU A 57 3.40 15.10 -2.39
C LEU A 57 4.06 15.25 -3.73
N PHE A 58 3.47 14.63 -4.73
CA PHE A 58 3.96 14.82 -6.07
C PHE A 58 2.87 15.53 -6.83
N ASN A 59 1.81 15.87 -6.14
CA ASN A 59 0.65 16.52 -6.74
C ASN A 59 0.19 15.85 -7.99
N MET A 60 -0.17 14.60 -7.91
CA MET A 60 -0.62 13.88 -9.07
C MET A 60 -2.12 13.68 -9.04
N ALA A 61 -2.70 13.46 -10.20
CA ALA A 61 -4.11 13.27 -10.29
C ALA A 61 -4.47 11.75 -10.39
N PRO A 62 -5.76 11.40 -10.17
CA PRO A 62 -6.20 10.02 -10.43
C PRO A 62 -5.64 9.48 -11.73
N GLY A 63 -5.03 8.30 -11.69
CA GLY A 63 -4.61 7.58 -12.89
C GLY A 63 -3.14 7.74 -13.20
N GLU A 64 -2.36 8.32 -12.31
CA GLU A 64 -0.94 8.57 -12.62
C GLU A 64 0.05 7.71 -11.93
N VAL A 65 -0.21 7.37 -10.66
CA VAL A 65 0.73 6.55 -9.92
C VAL A 65 0.02 5.33 -9.26
N PHE A 66 0.50 4.15 -9.61
CA PHE A 66 0.03 2.91 -9.03
C PHE A 66 0.87 2.71 -7.75
N VAL A 67 0.22 2.45 -6.60
CA VAL A 67 0.90 2.49 -5.32
C VAL A 67 0.91 1.16 -4.50
N GLN A 68 2.12 0.67 -4.15
CA GLN A 68 2.29 -0.24 -3.03
C GLN A 68 2.78 0.50 -1.76
N ARG A 69 2.11 0.28 -0.63
CA ARG A 69 2.59 0.82 0.64
C ARG A 69 2.58 -0.28 1.73
N ASN A 70 3.72 -0.49 2.36
CA ASN A 70 3.87 -1.46 3.38
C ASN A 70 4.75 -0.90 4.51
N VAL A 71 4.89 -1.64 5.58
CA VAL A 71 5.64 -1.16 6.72
C VAL A 71 7.13 -1.21 6.37
N GLY A 72 7.76 -0.04 6.13
CA GLY A 72 9.20 0.03 5.91
C GLY A 72 9.57 -0.06 4.44
N ASN A 73 8.59 0.17 3.54
CA ASN A 73 8.85 0.13 2.11
C ASN A 73 9.80 -1.01 1.64
N LEU A 74 9.43 -2.25 1.98
CA LEU A 74 10.30 -3.45 1.79
C LEU A 74 9.87 -4.14 0.52
N VAL A 75 10.83 -4.65 -0.27
CA VAL A 75 10.58 -5.35 -1.52
C VAL A 75 11.23 -6.70 -1.41
N SER A 76 10.47 -7.78 -1.49
CA SER A 76 11.11 -9.08 -1.41
C SER A 76 10.46 -10.02 -2.47
N ASN A 77 11.28 -10.86 -3.09
CA ASN A 77 10.80 -11.88 -4.03
C ASN A 77 9.75 -12.79 -3.45
N LYS A 78 9.70 -12.93 -2.14
CA LYS A 78 8.83 -13.92 -1.55
C LYS A 78 7.61 -13.31 -0.90
N ASP A 79 7.36 -12.02 -1.15
CA ASP A 79 6.13 -11.35 -0.67
C ASP A 79 5.24 -11.19 -1.90
N LEU A 80 4.28 -12.12 -2.10
CA LEU A 80 3.26 -12.04 -3.15
C LEU A 80 2.47 -10.73 -3.19
N ASN A 81 2.51 -9.94 -2.13
CA ASN A 81 1.66 -8.80 -2.07
C ASN A 81 2.39 -7.69 -2.88
N CYS A 82 3.67 -7.46 -2.55
CA CYS A 82 4.47 -6.53 -3.25
C CYS A 82 4.76 -6.98 -4.69
N MET A 83 5.01 -8.26 -4.84
CA MET A 83 5.39 -8.81 -6.11
C MET A 83 4.29 -8.76 -7.14
N SER A 84 3.05 -8.86 -6.72
CA SER A 84 1.98 -8.77 -7.68
C SER A 84 1.72 -7.33 -8.10
N CYS A 85 2.08 -6.39 -7.27
CA CYS A 85 1.99 -5.01 -7.66
C CYS A 85 3.02 -4.77 -8.72
N LEU A 86 4.15 -5.40 -8.58
CA LEU A 86 5.22 -5.22 -9.49
C LEU A 86 4.94 -5.91 -10.79
N GLU A 87 4.44 -7.12 -10.73
CA GLU A 87 4.18 -7.87 -11.92
C GLU A 87 3.06 -7.25 -12.70
N TYR A 88 2.00 -6.87 -12.03
CA TYR A 88 0.87 -6.35 -12.74
C TYR A 88 1.14 -5.02 -13.38
N THR A 89 1.96 -4.20 -12.77
CA THR A 89 2.19 -2.88 -13.34
C THR A 89 3.22 -2.93 -14.43
N VAL A 90 4.25 -3.75 -14.32
CA VAL A 90 5.23 -3.90 -15.36
C VAL A 90 4.74 -4.76 -16.54
N ASP A 91 4.16 -5.94 -16.29
CA ASP A 91 3.69 -6.85 -17.36
C ASP A 91 2.31 -6.51 -17.97
N HIS A 92 1.36 -6.01 -17.20
CA HIS A 92 0.04 -5.67 -17.78
C HIS A 92 -0.09 -4.18 -18.11
N LEU A 93 0.17 -3.25 -17.18
CA LEU A 93 -0.08 -1.84 -17.45
C LEU A 93 1.09 -1.17 -18.20
N LYS A 94 2.20 -1.88 -18.30
CA LYS A 94 3.44 -1.36 -18.93
C LYS A 94 3.82 0.01 -18.39
N ILE A 95 4.08 0.08 -17.08
CA ILE A 95 4.56 1.34 -16.48
C ILE A 95 6.01 1.54 -16.93
N LYS A 96 6.55 2.71 -16.65
CA LYS A 96 7.88 3.09 -17.17
C LYS A 96 8.85 3.36 -16.05
N HIS A 97 8.35 3.80 -14.89
CA HIS A 97 9.20 4.19 -13.79
C HIS A 97 8.73 3.61 -12.46
N ILE A 98 9.67 3.11 -11.67
CA ILE A 98 9.39 2.54 -10.35
C ILE A 98 10.06 3.43 -9.34
N LEU A 99 9.27 4.10 -8.49
CA LEU A 99 9.87 4.89 -7.42
C LEU A 99 9.86 4.10 -6.13
N VAL A 100 11.05 3.86 -5.57
CA VAL A 100 11.20 3.21 -4.30
C VAL A 100 11.55 4.33 -3.37
N CYS A 101 10.65 4.59 -2.42
CA CYS A 101 10.73 5.74 -1.54
C CYS A 101 10.75 5.34 -0.07
N GLY A 102 11.80 5.75 0.65
CA GLY A 102 11.84 5.60 2.11
C GLY A 102 11.70 6.99 2.70
N HIS A 103 11.75 7.08 4.03
CA HIS A 103 11.53 8.35 4.69
C HIS A 103 12.16 8.49 6.13
N TYR A 104 12.66 9.68 6.48
CA TYR A 104 13.24 9.85 7.79
C TYR A 104 12.16 9.68 8.85
N ASN A 105 12.54 9.26 10.04
CA ASN A 105 11.59 9.08 11.14
C ASN A 105 10.69 7.83 10.90
N CYS A 106 11.20 6.89 10.09
CA CYS A 106 10.43 5.68 9.79
C CYS A 106 10.48 4.69 10.97
N GLY A 107 9.32 4.37 11.53
CA GLY A 107 9.23 3.44 12.70
C GLY A 107 9.75 2.03 12.44
N ALA A 108 9.64 1.59 11.21
CA ALA A 108 10.10 0.29 10.86
C ALA A 108 11.61 0.26 10.87
N CYS A 109 12.26 1.31 10.43
CA CYS A 109 13.71 1.30 10.47
C CYS A 109 14.26 1.48 11.87
N LYS A 110 13.56 2.23 12.72
CA LYS A 110 13.88 2.23 14.17
C LYS A 110 13.73 0.84 14.81
N ALA A 111 12.61 0.16 14.64
CA ALA A 111 12.41 -1.17 15.23
C ALA A 111 13.47 -2.16 14.80
N GLY A 112 13.84 -2.08 13.53
CA GLY A 112 14.83 -2.95 12.97
C GLY A 112 16.19 -2.78 13.59
N LEU A 113 16.45 -1.57 14.10
CA LEU A 113 17.66 -1.26 14.86
C LEU A 113 17.60 -1.75 16.29
N VAL A 114 16.45 -1.60 16.95
CA VAL A 114 16.40 -1.83 18.39
C VAL A 114 15.67 -3.09 18.88
N TRP A 115 14.60 -3.56 18.22
CA TRP A 115 13.86 -4.65 18.81
C TRP A 115 14.71 -5.89 18.93
N HIS A 116 14.38 -6.70 19.93
CA HIS A 116 15.10 -7.94 20.13
C HIS A 116 14.29 -8.95 19.32
N PRO A 117 14.95 -9.84 18.60
CA PRO A 117 14.26 -10.83 17.77
C PRO A 117 13.23 -11.66 18.57
N LYS A 118 13.30 -11.66 19.91
CA LYS A 118 12.33 -12.43 20.65
C LYS A 118 10.96 -11.79 20.63
N THR A 119 10.89 -10.51 20.29
CA THR A 119 9.67 -9.73 20.42
C THR A 119 8.51 -10.47 19.78
N ALA A 120 7.38 -10.56 20.45
CA ALA A 120 6.17 -11.25 19.89
C ALA A 120 5.46 -10.49 18.74
N GLY A 121 4.59 -11.19 18.00
CA GLY A 121 3.71 -10.57 16.99
C GLY A 121 4.25 -10.56 15.56
N VAL A 122 3.43 -10.13 14.58
CA VAL A 122 3.77 -10.13 13.15
C VAL A 122 4.64 -9.00 12.66
N THR A 123 4.55 -7.80 13.23
CA THR A 123 5.50 -6.72 12.77
C THR A 123 6.93 -7.14 12.92
N ASN A 124 7.22 -7.83 14.02
CA ASN A 124 8.60 -8.33 14.25
C ASN A 124 9.14 -9.34 13.17
N LEU A 125 8.26 -10.26 12.76
CA LEU A 125 8.51 -11.18 11.64
C LEU A 125 8.68 -10.28 10.43
N TRP A 126 7.74 -9.37 10.21
CA TRP A 126 7.74 -8.61 8.99
C TRP A 126 9.04 -7.89 8.82
N ILE A 127 9.55 -7.23 9.86
CA ILE A 127 10.74 -6.42 9.70
C ILE A 127 12.06 -7.16 9.70
N SER A 128 12.08 -8.49 9.61
CA SER A 128 13.36 -9.20 9.48
C SER A 128 14.19 -8.71 8.33
N ASP A 129 13.58 -8.27 7.24
CA ASP A 129 14.39 -7.75 6.13
C ASP A 129 15.24 -6.54 6.60
N VAL A 130 14.73 -5.72 7.52
CA VAL A 130 15.51 -4.52 7.92
C VAL A 130 16.71 -4.94 8.77
N ARG A 131 16.53 -5.93 9.66
CA ARG A 131 17.66 -6.54 10.37
C ARG A 131 18.70 -7.07 9.38
N GLU A 132 18.29 -7.75 8.34
CA GLU A 132 19.28 -8.24 7.41
C GLU A 132 20.07 -7.13 6.72
N VAL A 133 19.47 -6.01 6.40
CA VAL A 133 20.20 -4.89 5.81
C VAL A 133 21.16 -4.23 6.82
N ARG A 134 20.66 -4.05 8.02
CA ARG A 134 21.45 -3.62 9.14
C ARG A 134 22.64 -4.51 9.41
N ASP A 135 22.46 -5.81 9.48
CA ASP A 135 23.60 -6.69 9.78
C ASP A 135 24.68 -6.58 8.70
N LYS A 136 24.27 -6.54 7.43
CA LYS A 136 25.24 -6.42 6.34
C LYS A 136 26.02 -5.12 6.45
N ASN A 137 25.44 -4.13 7.09
CA ASN A 137 26.02 -2.81 7.12
C ASN A 137 26.51 -2.35 8.51
N ALA A 138 26.89 -3.32 9.34
CA ALA A 138 27.33 -3.08 10.75
C ALA A 138 28.37 -1.98 10.89
N ALA A 139 29.35 -2.04 10.01
CA ALA A 139 30.45 -1.11 10.04
C ALA A 139 30.05 0.34 9.77
N LYS A 140 28.89 0.59 9.15
CA LYS A 140 28.44 1.98 8.88
C LYS A 140 27.54 2.51 9.99
N LEU A 141 27.11 1.62 10.89
CA LEU A 141 26.14 2.00 11.91
C LEU A 141 26.64 1.97 13.35
N HIS A 142 27.46 0.98 13.69
CA HIS A 142 28.04 0.87 15.03
C HIS A 142 28.72 2.13 15.55
N GLY A 143 28.37 2.55 16.77
CA GLY A 143 28.95 3.77 17.32
C GLY A 143 28.41 5.15 16.90
N LEU A 144 27.47 5.23 15.93
CA LEU A 144 26.76 6.48 15.63
C LEU A 144 25.79 6.72 16.79
N SER A 145 25.31 7.95 17.01
CA SER A 145 24.23 8.16 17.97
C SER A 145 22.96 7.46 17.46
N ALA A 146 22.12 6.99 18.38
CA ALA A 146 20.88 6.33 17.98
C ALA A 146 20.14 7.12 16.87
N ASP A 147 20.36 8.44 16.83
CA ASP A 147 19.61 9.28 15.91
C ASP A 147 20.20 9.36 14.53
N ASP A 148 21.53 9.43 14.46
CA ASP A 148 22.25 9.45 13.22
C ASP A 148 22.14 8.13 12.53
N ALA A 149 22.05 7.06 13.33
CA ALA A 149 21.97 5.68 12.85
C ALA A 149 20.55 5.35 12.34
N TRP A 150 19.54 5.90 13.01
CA TRP A 150 18.22 5.86 12.48
C TRP A 150 18.18 6.43 11.04
N ASP A 151 18.74 7.64 10.83
CA ASP A 151 18.75 8.25 9.51
C ASP A 151 19.58 7.43 8.52
N LYS A 152 20.68 6.84 9.00
CA LYS A 152 21.53 6.05 8.12
C LYS A 152 20.78 4.74 7.66
N MET A 153 20.07 4.11 8.60
CA MET A 153 19.26 2.90 8.35
C MET A 153 18.26 3.17 7.23
N VAL A 154 17.64 4.34 7.25
CA VAL A 154 16.66 4.73 6.27
C VAL A 154 17.25 4.66 4.86
N GLU A 155 18.45 5.18 4.75
CA GLU A 155 19.05 5.37 3.47
C GLU A 155 19.54 4.05 2.98
N LEU A 156 20.06 3.26 3.91
CA LEU A 156 20.60 1.96 3.55
C LEU A 156 19.46 1.07 3.07
N ASN A 157 18.34 1.14 3.78
CA ASN A 157 17.19 0.37 3.39
C ASN A 157 16.73 0.73 1.97
N VAL A 158 16.66 2.04 1.67
CA VAL A 158 16.23 2.50 0.35
C VAL A 158 17.14 1.90 -0.74
N GLU A 159 18.43 2.02 -0.50
CA GLU A 159 19.39 1.44 -1.39
C GLU A 159 19.23 -0.10 -1.54
N ALA A 160 18.94 -0.80 -0.43
CA ALA A 160 18.77 -2.25 -0.47
C ALA A 160 17.53 -2.63 -1.31
N GLN A 161 16.43 -1.91 -1.08
CA GLN A 161 15.15 -2.11 -1.79
C GLN A 161 15.26 -1.81 -3.30
N VAL A 162 16.01 -0.77 -3.67
CA VAL A 162 16.26 -0.49 -5.05
C VAL A 162 16.95 -1.69 -5.65
N PHE A 163 17.95 -2.22 -4.94
CA PHE A 163 18.67 -3.43 -5.45
C PHE A 163 17.66 -4.58 -5.61
N ASN A 164 16.76 -4.74 -4.61
CA ASN A 164 15.73 -5.81 -4.70
C ASN A 164 14.80 -5.66 -5.91
N VAL A 165 14.37 -4.42 -6.18
CA VAL A 165 13.57 -4.14 -7.36
C VAL A 165 14.40 -4.61 -8.60
N CYS A 166 15.68 -4.18 -8.73
CA CYS A 166 16.46 -4.43 -9.97
C CYS A 166 16.74 -5.89 -10.11
N ALA A 167 16.91 -6.56 -8.97
CA ALA A 167 17.24 -8.01 -8.94
C ALA A 167 15.99 -8.88 -9.01
N SER A 168 14.80 -8.30 -8.94
CA SER A 168 13.59 -9.13 -8.95
C SER A 168 13.37 -9.85 -10.31
N PRO A 169 12.73 -11.04 -10.30
CA PRO A 169 12.44 -11.70 -11.61
C PRO A 169 11.69 -10.81 -12.62
N ILE A 170 10.79 -9.96 -12.14
CA ILE A 170 9.96 -9.12 -12.95
C ILE A 170 10.72 -8.01 -13.76
N VAL A 171 11.58 -7.28 -13.06
CA VAL A 171 12.36 -6.23 -13.65
C VAL A 171 13.45 -6.86 -14.51
N GLN A 172 14.06 -7.95 -14.04
CA GLN A 172 15.00 -8.66 -14.85
C GLN A 172 14.45 -9.17 -16.20
N ALA A 173 13.20 -9.63 -16.23
CA ALA A 173 12.66 -10.20 -17.42
C ALA A 173 12.23 -9.03 -18.29
N ALA A 174 11.84 -7.91 -17.69
CA ALA A 174 11.37 -6.82 -18.52
C ALA A 174 12.56 -6.27 -19.31
N TRP A 175 13.63 -5.93 -18.60
CA TRP A 175 14.91 -5.59 -19.19
C TRP A 175 15.42 -6.54 -20.29
N ALA A 176 15.44 -7.84 -20.05
CA ALA A 176 16.00 -8.76 -21.00
C ALA A 176 15.20 -8.77 -22.31
N ARG A 177 13.92 -8.47 -22.27
CA ARG A 177 13.15 -8.34 -23.48
C ARG A 177 13.10 -6.88 -24.00
N GLY A 178 14.07 -6.06 -23.60
CA GLY A 178 14.10 -4.67 -24.03
C GLY A 178 12.88 -3.81 -23.77
N GLN A 179 12.14 -4.05 -22.69
CA GLN A 179 11.10 -3.11 -22.26
C GLN A 179 11.69 -1.93 -21.44
N PRO A 180 11.35 -0.71 -21.81
CA PRO A 180 12.03 0.38 -21.06
C PRO A 180 11.47 0.50 -19.65
N LEU A 181 12.34 0.60 -18.68
CA LEU A 181 11.93 0.57 -17.30
C LEU A 181 13.04 1.17 -16.47
N SER A 182 12.72 2.19 -15.71
CA SER A 182 13.73 2.81 -14.90
C SER A 182 13.39 2.60 -13.39
N VAL A 183 14.43 2.47 -12.57
CA VAL A 183 14.20 2.37 -11.15
C VAL A 183 14.85 3.53 -10.39
N HIS A 184 14.17 4.10 -9.37
CA HIS A 184 14.62 5.33 -8.66
C HIS A 184 14.63 5.20 -7.10
N GLY A 185 15.68 5.65 -6.44
CA GLY A 185 15.70 5.70 -4.98
C GLY A 185 15.54 7.14 -4.50
N ILE A 186 14.51 7.37 -3.69
CA ILE A 186 14.21 8.72 -3.25
C ILE A 186 13.85 8.56 -1.81
N VAL A 187 14.04 9.62 -1.04
CA VAL A 187 13.74 9.62 0.38
C VAL A 187 13.04 10.93 0.68
N TYR A 188 12.14 10.88 1.67
CA TYR A 188 11.20 11.96 1.91
C TYR A 188 11.35 12.47 3.36
N THR A 189 11.19 13.77 3.59
CA THR A 189 11.37 14.22 4.97
C THR A 189 10.05 14.67 5.55
N PRO A 190 9.43 13.84 6.40
CA PRO A 190 8.09 14.31 6.85
C PRO A 190 8.09 15.78 7.44
N GLY A 191 9.23 16.22 7.98
CA GLY A 191 9.28 17.51 8.66
C GLY A 191 9.31 18.67 7.67
N THR A 192 9.74 18.43 6.44
CA THR A 192 9.78 19.48 5.45
C THR A 192 8.92 19.25 4.20
N GLY A 193 8.44 18.03 3.96
CA GLY A 193 7.60 17.76 2.81
C GLY A 193 8.41 17.63 1.53
N LEU A 194 9.73 17.61 1.67
CA LEU A 194 10.53 17.43 0.48
C LEU A 194 11.13 16.04 0.28
N VAL A 195 11.35 15.78 -1.01
CA VAL A 195 11.90 14.56 -1.54
C VAL A 195 13.31 14.81 -2.12
N LYS A 196 14.34 14.16 -1.56
CA LYS A 196 15.63 14.11 -2.26
C LYS A 196 15.84 12.79 -3.03
N GLU A 197 16.52 12.88 -4.16
CA GLU A 197 16.87 11.74 -4.99
C GLU A 197 18.18 11.17 -4.46
N LEU A 198 18.10 9.98 -3.90
CA LEU A 198 19.19 9.44 -3.16
C LEU A 198 20.02 8.60 -4.07
N ILE A 199 19.37 8.04 -5.11
CA ILE A 199 20.05 7.27 -6.14
C ILE A 199 19.49 7.66 -7.50
N LYS A 200 20.43 8.01 -8.38
CA LYS A 200 20.18 8.46 -9.77
C LYS A 200 19.53 7.38 -10.67
N PRO A 201 18.85 7.79 -11.75
CA PRO A 201 18.07 6.81 -12.49
C PRO A 201 18.81 5.55 -12.89
N ILE A 202 18.15 4.39 -12.80
CA ILE A 202 18.78 3.13 -13.22
C ILE A 202 17.94 2.55 -14.33
N THR A 203 18.51 2.31 -15.52
CA THR A 203 17.65 1.88 -16.66
C THR A 203 18.08 0.53 -17.19
N GLY A 204 19.07 -0.07 -16.56
CA GLY A 204 19.43 -1.40 -17.03
C GLY A 204 20.67 -1.78 -16.31
N MET A 205 21.21 -2.94 -16.70
CA MET A 205 22.41 -3.51 -16.07
C MET A 205 23.66 -2.59 -15.97
N GLU A 206 23.89 -1.75 -16.99
CA GLU A 206 25.09 -0.90 -16.91
C GLU A 206 24.92 0.18 -15.86
N ASP A 207 23.77 0.85 -15.86
CA ASP A 207 23.58 1.94 -14.91
C ASP A 207 23.76 1.39 -13.51
N ALA A 208 23.41 0.13 -13.33
CA ALA A 208 23.30 -0.48 -12.02
C ALA A 208 24.67 -0.75 -11.48
N GLY A 209 25.55 -1.24 -12.37
CA GLY A 209 26.99 -1.42 -12.06
C GLY A 209 27.63 -0.14 -11.51
N ALA A 210 27.29 1.00 -12.11
CA ALA A 210 27.81 2.30 -11.68
C ALA A 210 27.21 2.80 -10.36
N LEU A 211 25.90 2.63 -10.17
CA LEU A 211 25.17 3.40 -9.17
C LEU A 211 24.93 2.71 -7.82
N LEU A 212 25.15 1.39 -7.73
CA LEU A 212 24.80 0.64 -6.54
C LEU A 212 26.07 0.04 -5.97
N ARG A 213 26.21 0.11 -4.64
CA ARG A 213 27.33 -0.52 -3.91
C ARG A 213 27.42 -2.05 -4.14
N ALA A 214 26.30 -2.77 -4.04
CA ALA A 214 26.30 -4.23 -4.19
C ALA A 214 26.32 -4.59 -5.66
N ASP A 215 26.72 -5.79 -6.01
CA ASP A 215 27.00 -6.11 -7.40
C ASP A 215 25.92 -6.90 -8.09
N LEU A 216 25.12 -6.22 -8.88
CA LEU A 216 23.98 -6.83 -9.55
C LEU A 216 24.37 -7.78 -10.64
N LYS A 217 25.44 -7.48 -11.35
CA LYS A 217 25.91 -8.38 -12.43
C LYS A 217 26.39 -9.74 -11.86
N GLN A 218 27.21 -9.70 -10.82
CA GLN A 218 27.60 -10.93 -10.15
C GLN A 218 26.44 -11.72 -9.56
N HIS A 219 25.50 -11.04 -8.93
CA HIS A 219 24.26 -11.60 -8.47
C HIS A 219 23.46 -12.38 -9.55
N CYS A 220 23.32 -11.77 -10.71
CA CYS A 220 22.60 -12.36 -11.83
C CYS A 220 23.38 -13.37 -12.63
N PHE A 221 24.68 -13.18 -12.76
CA PHE A 221 25.48 -14.12 -13.52
C PHE A 221 26.56 -14.58 -12.60
N PHE A 222 26.21 -15.34 -11.58
CA PHE A 222 27.18 -15.77 -10.59
C PHE A 222 28.01 -16.91 -11.12
N SER A 223 27.41 -17.82 -11.86
CA SER A 223 28.15 -18.99 -12.34
C SER A 223 29.35 -18.63 -13.21
N GLU A 224 29.43 -17.40 -13.69
CA GLU A 224 30.62 -17.00 -14.42
C GLU A 224 31.87 -16.86 -13.56
N SER A 225 31.71 -16.51 -12.28
CA SER A 225 32.89 -16.42 -11.39
C SER A 225 33.35 -17.81 -10.87
N LEU A 226 32.83 -18.89 -11.44
CA LEU A 226 33.30 -20.23 -11.15
C LEU A 226 34.11 -20.78 -12.33
N ALA A 227 34.49 -22.06 -12.24
CA ALA A 227 35.19 -22.78 -13.31
C ALA A 227 34.75 -24.29 -13.42
N THR B 6 15.54 11.25 -20.62
CA THR B 6 14.25 10.53 -20.90
C THR B 6 13.63 9.88 -19.63
N ALA B 7 14.50 9.35 -18.77
CA ALA B 7 14.11 8.82 -17.48
C ALA B 7 14.59 9.79 -16.45
N ASP B 8 13.81 10.80 -16.17
CA ASP B 8 14.34 11.91 -15.44
C ASP B 8 13.31 12.49 -14.48
N LEU B 9 13.71 12.57 -13.22
CA LEU B 9 12.77 12.85 -12.12
C LEU B 9 12.42 14.31 -11.89
N SER B 10 13.06 15.20 -12.65
CA SER B 10 12.96 16.67 -12.52
C SER B 10 11.56 17.24 -12.41
N PRO B 11 10.64 16.91 -13.39
CA PRO B 11 9.24 17.37 -13.25
C PRO B 11 8.65 17.03 -11.86
N LEU B 12 8.91 15.82 -11.35
CA LEU B 12 8.36 15.37 -10.07
C LEU B 12 8.93 16.10 -8.84
N LEU B 13 10.25 16.34 -8.81
CA LEU B 13 10.90 17.07 -7.68
C LEU B 13 10.52 18.55 -7.63
N GLU B 14 10.50 19.16 -8.82
CA GLU B 14 9.94 20.48 -9.03
C GLU B 14 8.48 20.50 -8.58
N ALA B 15 7.65 19.54 -9.01
CA ALA B 15 6.27 19.49 -8.51
C ALA B 15 6.11 19.39 -6.94
N ASN B 16 7.02 18.64 -6.31
CA ASN B 16 7.04 18.40 -4.87
C ASN B 16 7.46 19.68 -4.15
N ARG B 17 8.51 20.30 -4.74
CA ARG B 17 8.97 21.66 -4.40
C ARG B 17 7.80 22.65 -4.35
N LYS B 18 7.15 22.89 -5.50
CA LYS B 18 5.96 23.74 -5.58
C LYS B 18 4.90 23.41 -4.53
N TRP B 19 4.59 22.12 -4.41
CA TRP B 19 3.59 21.62 -3.42
C TRP B 19 4.00 21.90 -1.98
N ALA B 20 5.24 21.65 -1.63
CA ALA B 20 5.67 21.89 -0.26
C ALA B 20 5.65 23.40 0.15
N ASP B 21 5.98 24.30 -0.78
CA ASP B 21 5.94 25.75 -0.52
C ASP B 21 4.53 26.25 -0.28
N GLU B 22 3.65 25.92 -1.23
CA GLU B 22 2.25 26.24 -1.15
C GLU B 22 1.64 25.86 0.17
N CYS B 23 2.02 24.71 0.71
CA CYS B 23 1.44 24.22 1.98
C CYS B 23 2.08 24.91 3.17
N ALA B 24 3.39 25.18 3.04
CA ALA B 24 4.16 25.87 4.09
C ALA B 24 3.78 27.36 4.22
N ALA B 25 3.49 28.00 3.08
CA ALA B 25 2.85 29.33 3.02
C ALA B 25 1.46 29.37 3.70
N LYS B 26 0.55 28.48 3.30
CA LYS B 26 -0.82 28.42 3.86
C LYS B 26 -0.84 28.20 5.38
N ASP B 27 0.14 27.46 5.85
CA ASP B 27 0.28 27.18 7.25
C ASP B 27 1.71 26.85 7.55
N SER B 28 2.21 27.46 8.61
CA SER B 28 3.65 27.39 8.92
C SER B 28 4.07 26.05 9.56
N THR B 29 3.12 25.39 10.23
CA THR B 29 3.40 24.16 10.97
C THR B 29 2.84 22.88 10.30
N TYR B 30 2.22 23.03 9.13
CA TYR B 30 1.69 21.90 8.33
C TYR B 30 2.59 20.64 8.29
N PHE B 31 3.89 20.85 8.09
CA PHE B 31 4.87 19.78 8.06
C PHE B 31 5.56 19.56 9.38
N SER B 32 5.98 20.63 10.02
CA SER B 32 6.84 20.52 11.19
C SER B 32 6.13 19.90 12.37
N LYS B 33 4.80 19.97 12.39
CA LYS B 33 4.07 19.45 13.53
C LYS B 33 4.07 17.92 13.57
N VAL B 34 4.33 17.29 12.40
CA VAL B 34 4.47 15.80 12.26
C VAL B 34 5.92 15.33 11.96
N ALA B 35 6.90 16.14 12.31
CA ALA B 35 8.30 15.83 12.01
C ALA B 35 8.86 14.63 12.75
N GLY B 36 8.27 14.27 13.89
CA GLY B 36 8.88 13.30 14.80
C GLY B 36 7.85 12.40 15.47
N SER B 37 6.59 12.47 15.03
CA SER B 37 5.72 11.34 15.29
C SER B 37 4.47 11.41 14.42
N GLN B 38 3.60 10.40 14.56
CA GLN B 38 2.31 10.33 13.88
C GLN B 38 1.26 9.81 14.87
N ALA B 39 0.06 10.33 14.77
CA ALA B 39 -1.01 9.83 15.60
C ALA B 39 -2.28 9.74 14.76
N PRO B 40 -2.26 8.92 13.69
CA PRO B 40 -3.40 8.88 12.79
C PRO B 40 -4.55 8.23 13.50
N GLU B 41 -5.76 8.58 13.15
CA GLU B 41 -6.93 7.93 13.70
C GLU B 41 -7.44 6.81 12.81
N TYR B 42 -6.96 6.74 11.56
CA TYR B 42 -7.41 5.81 10.54
C TYR B 42 -6.28 4.96 9.98
N LEU B 43 -6.58 3.68 9.84
CA LEU B 43 -5.92 2.79 8.87
C LEU B 43 -6.88 2.64 7.70
N TYR B 44 -6.34 2.79 6.49
CA TYR B 44 -7.10 2.57 5.28
C TYR B 44 -6.55 1.30 4.60
N ILE B 45 -7.42 0.40 4.19
CA ILE B 45 -6.94 -0.68 3.36
C ILE B 45 -7.58 -0.55 2.01
N GLY B 46 -6.81 -0.41 0.94
CA GLY B 46 -7.48 -0.24 -0.34
C GLY B 46 -6.70 -0.80 -1.52
N CYS B 47 -7.18 -0.59 -2.73
CA CYS B 47 -6.51 -1.17 -3.89
C CYS B 47 -5.31 -0.29 -4.34
N ALA B 48 -4.29 -0.96 -4.85
CA ALA B 48 -3.13 -0.30 -5.41
C ALA B 48 -3.45 0.58 -6.68
N ASP B 49 -4.63 0.39 -7.27
CA ASP B 49 -5.09 1.09 -8.47
C ASP B 49 -4.83 2.58 -8.42
N SER B 50 -4.14 3.08 -9.45
CA SER B 50 -3.68 4.49 -9.56
C SER B 50 -4.77 5.55 -9.54
N ARG B 51 -6.02 5.16 -9.68
CA ARG B 51 -7.15 6.08 -9.57
C ARG B 51 -7.70 6.31 -8.17
N VAL B 52 -7.10 5.71 -7.14
CA VAL B 52 -7.75 5.68 -5.79
C VAL B 52 -6.76 6.03 -4.70
N SER B 53 -6.69 7.30 -4.37
CA SER B 53 -5.68 7.78 -3.44
C SER B 53 -6.29 8.26 -2.14
N PRO B 54 -6.23 7.46 -1.09
CA PRO B 54 -7.03 7.88 0.06
C PRO B 54 -6.77 9.29 0.58
N ALA B 55 -5.51 9.73 0.68
CA ALA B 55 -5.23 11.04 1.31
C ALA B 55 -5.87 12.11 0.46
N GLN B 56 -5.80 11.92 -0.85
CA GLN B 56 -6.36 12.88 -1.80
C GLN B 56 -7.91 12.79 -1.80
N LEU B 57 -8.48 11.59 -1.89
CA LEU B 57 -9.93 11.52 -2.00
C LEU B 57 -10.71 11.97 -0.72
N PHE B 58 -10.15 11.79 0.48
CA PHE B 58 -10.80 12.36 1.71
C PHE B 58 -10.22 13.73 2.08
N ASN B 59 -9.31 14.22 1.24
CA ASN B 59 -8.68 15.49 1.49
C ASN B 59 -8.05 15.55 2.89
N MET B 60 -7.08 14.69 3.15
CA MET B 60 -6.45 14.65 4.46
C MET B 60 -5.08 15.28 4.48
N ALA B 61 -4.66 15.70 5.67
CA ALA B 61 -3.32 16.28 5.79
C ALA B 61 -2.38 15.19 6.27
N PRO B 62 -1.07 15.34 6.01
CA PRO B 62 -0.10 14.39 6.58
C PRO B 62 -0.36 14.04 8.04
N GLY B 63 -0.24 12.76 8.35
CA GLY B 63 -0.43 12.25 9.71
C GLY B 63 -1.84 11.76 10.00
N GLU B 64 -2.73 11.87 9.04
CA GLU B 64 -4.12 11.49 9.27
C GLU B 64 -4.52 10.06 8.97
N VAL B 65 -4.02 9.50 7.88
CA VAL B 65 -4.37 8.14 7.52
C VAL B 65 -3.15 7.22 7.23
N PHE B 66 -3.03 6.16 8.02
CA PHE B 66 -2.00 5.09 7.79
C PHE B 66 -2.54 4.13 6.71
N VAL B 67 -1.69 3.83 5.72
CA VAL B 67 -2.21 3.17 4.51
C VAL B 67 -1.59 1.82 4.10
N GLN B 68 -2.44 0.80 3.96
CA GLN B 68 -2.08 -0.39 3.17
C GLN B 68 -2.75 -0.37 1.75
N ARG B 69 -2.02 -0.64 0.68
CA ARG B 69 -2.63 -0.68 -0.64
C ARG B 69 -2.06 -1.91 -1.33
N ASN B 70 -2.93 -2.73 -1.87
CA ASN B 70 -2.48 -3.90 -2.54
C ASN B 70 -3.46 -4.19 -3.66
N VAL B 71 -3.16 -5.17 -4.53
CA VAL B 71 -4.02 -5.45 -5.69
C VAL B 71 -5.27 -6.20 -5.23
N GLY B 72 -6.41 -5.53 -5.34
CA GLY B 72 -7.70 -6.15 -4.91
C GLY B 72 -8.18 -5.78 -3.50
N ASN B 73 -7.39 -4.95 -2.79
CA ASN B 73 -7.65 -4.57 -1.45
C ASN B 73 -7.93 -5.82 -0.57
N LEU B 74 -7.03 -6.80 -0.64
CA LEU B 74 -7.23 -8.11 0.03
C LEU B 74 -6.71 -8.13 1.49
N VAL B 75 -7.43 -8.83 2.38
CA VAL B 75 -6.98 -8.94 3.76
C VAL B 75 -6.92 -10.41 4.05
N SER B 76 -5.78 -10.89 4.50
CA SER B 76 -5.70 -12.26 4.84
C SER B 76 -4.79 -12.47 6.09
N ASN B 77 -5.15 -13.36 7.02
CA ASN B 77 -4.34 -13.65 8.22
C ASN B 77 -2.95 -14.13 7.81
N LYS B 78 -2.79 -14.63 6.58
CA LYS B 78 -1.48 -15.19 6.19
C LYS B 78 -0.68 -14.32 5.25
N ASP B 79 -1.08 -13.07 5.08
CA ASP B 79 -0.23 -12.12 4.36
C ASP B 79 0.41 -11.21 5.42
N LEU B 80 1.71 -11.35 5.69
CA LEU B 80 2.33 -10.55 6.75
C LEU B 80 2.51 -9.12 6.36
N ASN B 81 2.41 -8.82 5.07
CA ASN B 81 2.45 -7.44 4.60
C ASN B 81 1.21 -6.73 5.15
N CYS B 82 0.02 -7.20 4.76
CA CYS B 82 -1.17 -6.58 5.27
C CYS B 82 -1.32 -6.68 6.82
N MET B 83 -1.07 -7.85 7.42
CA MET B 83 -1.22 -8.08 8.89
C MET B 83 -0.27 -7.18 9.72
N SER B 84 0.91 -6.91 9.19
CA SER B 84 1.72 -6.04 9.89
C SER B 84 1.23 -4.57 9.80
N CYS B 85 0.45 -4.20 8.79
CA CYS B 85 -0.11 -2.88 8.82
C CYS B 85 -1.16 -2.82 9.91
N LEU B 86 -1.94 -3.90 9.99
CA LEU B 86 -2.96 -4.05 10.98
C LEU B 86 -2.41 -4.08 12.44
N GLU B 87 -1.47 -4.95 12.74
CA GLU B 87 -0.96 -5.07 14.08
C GLU B 87 -0.26 -3.76 14.54
N TYR B 88 0.62 -3.20 13.74
CA TYR B 88 1.32 -2.01 14.15
C TYR B 88 0.39 -0.84 14.41
N THR B 89 -0.65 -0.71 13.60
CA THR B 89 -1.54 0.45 13.78
C THR B 89 -2.49 0.25 14.96
N VAL B 90 -3.04 -0.95 15.11
CA VAL B 90 -3.95 -1.23 16.19
C VAL B 90 -3.19 -1.32 17.52
N ASP B 91 -2.10 -2.06 17.56
CA ASP B 91 -1.40 -2.27 18.81
C ASP B 91 -0.44 -1.17 19.22
N HIS B 92 0.30 -0.59 18.30
CA HIS B 92 1.30 0.39 18.70
C HIS B 92 0.77 1.80 18.59
N LEU B 93 0.17 2.18 17.46
CA LEU B 93 -0.30 3.55 17.21
C LEU B 93 -1.70 3.79 17.77
N LYS B 94 -2.40 2.70 18.05
CA LYS B 94 -3.76 2.79 18.60
C LYS B 94 -4.71 3.65 17.75
N ILE B 95 -4.74 3.39 16.43
CA ILE B 95 -5.75 4.01 15.53
C ILE B 95 -7.16 3.60 16.05
N LYS B 96 -8.19 4.36 15.65
CA LYS B 96 -9.53 4.15 16.17
C LYS B 96 -10.45 3.57 15.09
N HIS B 97 -10.07 3.74 13.80
CA HIS B 97 -10.97 3.36 12.69
C HIS B 97 -10.27 2.72 11.54
N ILE B 98 -10.88 1.68 11.02
CA ILE B 98 -10.29 0.94 9.90
C ILE B 98 -11.23 1.07 8.74
N LEU B 99 -10.75 1.64 7.64
CA LEU B 99 -11.50 1.77 6.38
C LEU B 99 -11.07 0.70 5.38
N VAL B 100 -12.01 -0.14 4.96
CA VAL B 100 -11.77 -1.13 3.93
C VAL B 100 -12.47 -0.64 2.68
N CYS B 101 -11.67 -0.35 1.66
CA CYS B 101 -12.20 0.34 0.52
C CYS B 101 -12.00 -0.48 -0.71
N GLY B 102 -13.11 -0.83 -1.39
CA GLY B 102 -13.04 -1.33 -2.76
C GLY B 102 -13.38 -0.26 -3.80
N HIS B 103 -13.17 -0.54 -5.06
CA HIS B 103 -13.66 0.41 -6.06
C HIS B 103 -14.20 -0.33 -7.26
N TYR B 104 -15.10 0.35 -8.00
CA TYR B 104 -15.64 -0.25 -9.23
C TYR B 104 -14.57 -0.13 -10.22
N ASN B 105 -14.73 -0.96 -11.26
CA ASN B 105 -13.72 -1.04 -12.35
C ASN B 105 -12.38 -1.63 -11.89
N CYS B 106 -12.43 -2.41 -10.79
CA CYS B 106 -11.23 -2.98 -10.20
C CYS B 106 -10.76 -4.15 -11.02
N GLY B 107 -9.53 -4.05 -11.54
CA GLY B 107 -8.96 -5.09 -12.41
C GLY B 107 -8.79 -6.44 -11.75
N ALA B 108 -8.46 -6.48 -10.47
CA ALA B 108 -8.34 -7.69 -9.71
C ALA B 108 -9.62 -8.43 -9.64
N CYS B 109 -10.72 -7.72 -9.41
CA CYS B 109 -12.03 -8.38 -9.28
C CYS B 109 -12.51 -8.95 -10.64
N LYS B 110 -12.12 -8.30 -11.75
CA LYS B 110 -12.39 -8.78 -13.10
C LYS B 110 -11.54 -10.04 -13.37
N ALA B 111 -10.27 -9.97 -13.00
CA ALA B 111 -9.39 -11.08 -13.21
C ALA B 111 -9.92 -12.24 -12.36
N GLY B 112 -10.50 -11.91 -11.21
CA GLY B 112 -10.98 -12.95 -10.31
C GLY B 112 -12.14 -13.70 -10.94
N LEU B 113 -12.99 -12.98 -11.71
CA LEU B 113 -14.07 -13.62 -12.55
C LEU B 113 -13.60 -14.38 -13.77
N VAL B 114 -12.72 -13.79 -14.58
CA VAL B 114 -12.52 -14.35 -15.90
C VAL B 114 -11.26 -15.20 -16.15
N TRP B 115 -10.18 -15.03 -15.39
CA TRP B 115 -8.93 -15.80 -15.60
C TRP B 115 -9.06 -17.26 -15.30
N HIS B 116 -8.31 -18.06 -16.03
CA HIS B 116 -8.32 -19.50 -15.80
C HIS B 116 -7.21 -19.69 -14.77
N PRO B 117 -7.38 -20.61 -13.80
CA PRO B 117 -6.33 -20.83 -12.78
C PRO B 117 -4.97 -21.19 -13.35
N LYS B 118 -4.92 -21.74 -14.55
CA LYS B 118 -3.65 -22.12 -15.18
C LYS B 118 -2.68 -21.00 -15.45
N THR B 119 -3.16 -19.76 -15.62
CA THR B 119 -2.36 -18.59 -15.94
C THR B 119 -1.10 -18.48 -15.10
N ALA B 120 0.01 -18.19 -15.75
CA ALA B 120 1.29 -18.11 -15.05
C ALA B 120 1.47 -16.79 -14.25
N GLY B 121 2.45 -16.82 -13.33
CA GLY B 121 2.89 -15.61 -12.60
C GLY B 121 2.23 -15.38 -11.23
N VAL B 122 2.67 -14.34 -10.54
CA VAL B 122 2.32 -14.12 -9.17
C VAL B 122 0.99 -13.47 -8.99
N THR B 123 0.57 -12.57 -9.86
CA THR B 123 -0.75 -11.97 -9.71
C THR B 123 -1.85 -13.03 -9.64
N ASN B 124 -1.72 -14.08 -10.43
CA ASN B 124 -2.73 -15.13 -10.45
C ASN B 124 -2.74 -15.94 -9.14
N LEU B 125 -1.58 -16.25 -8.57
CA LEU B 125 -1.51 -16.77 -7.22
C LEU B 125 -2.24 -15.83 -6.27
N TRP B 126 -1.88 -14.56 -6.33
CA TRP B 126 -2.33 -13.55 -5.37
C TRP B 126 -3.86 -13.37 -5.32
N ILE B 127 -4.52 -13.41 -6.48
CA ILE B 127 -5.98 -13.13 -6.49
C ILE B 127 -6.80 -14.41 -6.16
N SER B 128 -6.12 -15.50 -5.77
CA SER B 128 -6.84 -16.66 -5.28
C SER B 128 -7.89 -16.24 -4.25
N ASP B 129 -7.59 -15.29 -3.36
CA ASP B 129 -8.62 -14.86 -2.39
C ASP B 129 -9.93 -14.42 -3.10
N VAL B 130 -9.83 -13.69 -4.23
CA VAL B 130 -11.01 -13.23 -4.99
C VAL B 130 -11.78 -14.42 -5.55
N ARG B 131 -11.07 -15.43 -6.06
CA ARG B 131 -11.82 -16.61 -6.56
C ARG B 131 -12.56 -17.31 -5.44
N GLU B 132 -12.02 -17.22 -4.24
CA GLU B 132 -12.64 -17.89 -3.13
C GLU B 132 -13.96 -17.13 -2.68
N VAL B 133 -13.95 -15.79 -2.69
CA VAL B 133 -15.17 -15.01 -2.51
C VAL B 133 -16.18 -15.27 -3.62
N ARG B 134 -15.71 -15.26 -4.86
CA ARG B 134 -16.57 -15.60 -6.01
C ARG B 134 -17.27 -16.94 -5.83
N ASP B 135 -16.52 -18.01 -5.57
CA ASP B 135 -17.10 -19.34 -5.51
C ASP B 135 -18.10 -19.44 -4.36
N LYS B 136 -17.88 -18.75 -3.28
CA LYS B 136 -18.78 -18.82 -2.15
C LYS B 136 -20.08 -18.15 -2.43
N ASN B 137 -20.08 -17.29 -3.41
CA ASN B 137 -21.22 -16.47 -3.71
C ASN B 137 -21.66 -16.70 -5.11
N ALA B 138 -21.36 -17.86 -5.64
CA ALA B 138 -21.66 -18.11 -7.05
C ALA B 138 -23.12 -17.92 -7.42
N ALA B 139 -24.03 -18.22 -6.52
CA ALA B 139 -25.47 -18.10 -6.82
C ALA B 139 -25.87 -16.63 -7.04
N LYS B 140 -25.18 -15.73 -6.36
CA LYS B 140 -25.41 -14.32 -6.57
C LYS B 140 -24.86 -13.82 -7.90
N LEU B 141 -24.06 -14.61 -8.60
CA LEU B 141 -23.38 -14.07 -9.79
C LEU B 141 -23.86 -14.73 -11.08
N HIS B 142 -24.47 -15.92 -10.96
CA HIS B 142 -24.99 -16.68 -12.09
C HIS B 142 -25.93 -15.86 -12.99
N GLY B 143 -25.67 -15.97 -14.30
CA GLY B 143 -26.48 -15.30 -15.31
C GLY B 143 -26.61 -13.79 -15.16
N LEU B 144 -25.60 -13.12 -14.59
CA LEU B 144 -25.56 -11.66 -14.70
C LEU B 144 -24.69 -11.38 -15.90
N SER B 145 -24.85 -10.19 -16.45
CA SER B 145 -23.97 -9.71 -17.50
C SER B 145 -22.57 -9.42 -16.94
N ALA B 146 -21.57 -9.61 -17.79
CA ALA B 146 -20.17 -9.31 -17.47
C ALA B 146 -20.00 -8.06 -16.56
N ASP B 147 -20.60 -6.93 -16.96
CA ASP B 147 -20.37 -5.70 -16.28
C ASP B 147 -21.10 -5.65 -14.95
N ASP B 148 -22.29 -6.21 -14.96
CA ASP B 148 -23.02 -6.47 -13.75
C ASP B 148 -22.34 -7.41 -12.74
N ALA B 149 -21.77 -8.52 -13.18
CA ALA B 149 -21.10 -9.42 -12.27
C ALA B 149 -19.85 -8.75 -11.70
N TRP B 150 -19.14 -7.95 -12.52
CA TRP B 150 -17.97 -7.19 -12.09
C TRP B 150 -18.31 -6.27 -10.90
N ASP B 151 -19.31 -5.45 -11.08
CA ASP B 151 -19.78 -4.58 -10.08
C ASP B 151 -20.17 -5.36 -8.82
N LYS B 152 -20.91 -6.45 -8.95
CA LYS B 152 -21.27 -7.24 -7.79
C LYS B 152 -20.01 -7.86 -7.09
N MET B 153 -19.05 -8.31 -7.89
CA MET B 153 -17.85 -8.89 -7.35
C MET B 153 -17.10 -7.84 -6.49
N VAL B 154 -17.06 -6.59 -6.93
CA VAL B 154 -16.41 -5.54 -6.16
C VAL B 154 -17.05 -5.42 -4.76
N GLU B 155 -18.37 -5.42 -4.72
CA GLU B 155 -19.12 -5.21 -3.51
C GLU B 155 -19.04 -6.42 -2.61
N LEU B 156 -19.17 -7.63 -3.17
CA LEU B 156 -18.99 -8.86 -2.42
C LEU B 156 -17.59 -8.92 -1.79
N ASN B 157 -16.59 -8.48 -2.53
CA ASN B 157 -15.23 -8.49 -2.04
C ASN B 157 -15.14 -7.42 -0.95
N VAL B 158 -15.83 -6.31 -1.04
CA VAL B 158 -15.66 -5.38 0.04
C VAL B 158 -16.19 -6.05 1.34
N GLU B 159 -17.32 -6.75 1.22
CA GLU B 159 -17.92 -7.34 2.41
C GLU B 159 -17.05 -8.49 3.01
N ALA B 160 -16.45 -9.34 2.17
CA ALA B 160 -15.61 -10.41 2.65
C ALA B 160 -14.42 -9.89 3.42
N GLN B 161 -13.84 -8.80 2.93
CA GLN B 161 -12.61 -8.26 3.49
C GLN B 161 -12.94 -7.57 4.79
N VAL B 162 -14.12 -6.95 4.84
CA VAL B 162 -14.56 -6.33 6.08
C VAL B 162 -14.67 -7.45 7.13
N PHE B 163 -15.26 -8.58 6.70
CA PHE B 163 -15.29 -9.75 7.53
C PHE B 163 -13.93 -10.25 8.01
N ASN B 164 -12.95 -10.29 7.11
CA ASN B 164 -11.64 -10.75 7.50
C ASN B 164 -10.96 -9.78 8.45
N VAL B 165 -11.19 -8.49 8.31
CA VAL B 165 -10.61 -7.54 9.26
C VAL B 165 -11.19 -7.85 10.66
N CYS B 166 -12.51 -8.02 10.71
CA CYS B 166 -13.22 -8.27 11.95
C CYS B 166 -12.81 -9.58 12.57
N ALA B 167 -12.51 -10.59 11.74
CA ALA B 167 -12.23 -11.93 12.25
C ALA B 167 -10.75 -12.11 12.54
N SER B 168 -9.96 -11.08 12.27
CA SER B 168 -8.53 -11.19 12.37
C SER B 168 -8.13 -11.33 13.84
N PRO B 169 -7.01 -12.04 14.10
CA PRO B 169 -6.58 -12.10 15.50
C PRO B 169 -6.34 -10.70 16.05
N ILE B 170 -5.82 -9.76 15.26
CA ILE B 170 -5.44 -8.44 15.79
C ILE B 170 -6.71 -7.74 16.31
N VAL B 171 -7.76 -7.74 15.50
CA VAL B 171 -8.99 -7.03 15.86
C VAL B 171 -9.76 -7.76 17.00
N GLN B 172 -9.84 -9.09 16.92
CA GLN B 172 -10.55 -9.83 17.91
C GLN B 172 -9.89 -9.57 19.25
N ALA B 173 -8.58 -9.48 19.26
CA ALA B 173 -7.87 -9.29 20.50
C ALA B 173 -8.12 -7.90 21.05
N ALA B 174 -8.15 -6.90 20.17
CA ALA B 174 -8.31 -5.50 20.55
C ALA B 174 -9.69 -5.27 21.19
N TRP B 175 -10.71 -5.77 20.54
CA TRP B 175 -12.01 -5.75 21.06
C TRP B 175 -12.07 -6.50 22.40
N ALA B 176 -11.32 -7.58 22.54
CA ALA B 176 -11.49 -8.39 23.74
C ALA B 176 -10.91 -7.67 24.94
N ARG B 177 -9.97 -6.75 24.78
CA ARG B 177 -9.48 -6.00 25.92
C ARG B 177 -10.16 -4.60 26.00
N GLY B 178 -11.35 -4.48 25.39
CA GLY B 178 -12.07 -3.21 25.35
C GLY B 178 -11.44 -1.96 24.69
N GLN B 179 -10.44 -2.13 23.83
CA GLN B 179 -9.97 -1.06 22.94
C GLN B 179 -11.03 -0.63 21.89
N PRO B 180 -11.37 0.66 21.83
CA PRO B 180 -12.35 1.07 20.79
C PRO B 180 -11.74 1.06 19.37
N LEU B 181 -12.45 0.40 18.46
CA LEU B 181 -11.95 0.17 17.09
C LEU B 181 -13.17 -0.13 16.25
N SER B 182 -13.38 0.64 15.18
CA SER B 182 -14.49 0.34 14.27
C SER B 182 -13.98 0.02 12.89
N VAL B 183 -14.79 -0.71 12.15
CA VAL B 183 -14.42 -1.20 10.85
C VAL B 183 -15.48 -0.75 9.86
N HIS B 184 -15.03 -0.18 8.74
CA HIS B 184 -15.95 0.42 7.76
C HIS B 184 -15.78 -0.14 6.37
N GLY B 185 -16.88 -0.53 5.74
CA GLY B 185 -16.86 -0.99 4.32
C GLY B 185 -17.29 0.09 3.33
N ILE B 186 -16.35 0.61 2.57
CA ILE B 186 -16.68 1.72 1.70
C ILE B 186 -16.36 1.30 0.31
N VAL B 187 -16.94 1.99 -0.68
CA VAL B 187 -16.57 1.74 -2.08
C VAL B 187 -16.42 3.08 -2.82
N TYR B 188 -15.50 3.10 -3.78
CA TYR B 188 -15.19 4.31 -4.55
C TYR B 188 -15.51 4.19 -6.05
N THR B 189 -16.16 5.20 -6.63
CA THR B 189 -16.33 5.20 -8.08
C THR B 189 -15.26 6.04 -8.79
N PRO B 190 -14.35 5.39 -9.50
CA PRO B 190 -13.27 6.18 -10.10
C PRO B 190 -13.78 7.29 -11.07
N GLY B 191 -14.79 6.97 -11.86
CA GLY B 191 -15.37 7.90 -12.79
C GLY B 191 -16.11 9.06 -12.16
N THR B 192 -16.32 9.07 -10.84
CA THR B 192 -16.99 10.24 -10.28
C THR B 192 -16.22 10.88 -9.14
N GLY B 193 -15.24 10.17 -8.59
CA GLY B 193 -14.47 10.68 -7.41
C GLY B 193 -15.18 10.51 -6.09
N LEU B 194 -16.32 9.82 -6.13
CA LEU B 194 -17.21 9.71 -4.99
C LEU B 194 -17.10 8.36 -4.24
N VAL B 195 -17.16 8.44 -2.89
CA VAL B 195 -17.17 7.31 -1.97
C VAL B 195 -18.59 7.07 -1.56
N LYS B 196 -18.95 5.80 -1.36
CA LYS B 196 -20.25 5.41 -0.84
C LYS B 196 -20.02 4.39 0.30
N GLU B 197 -20.68 4.59 1.43
CA GLU B 197 -20.65 3.66 2.52
C GLU B 197 -21.44 2.38 2.25
N LEU B 198 -20.79 1.22 2.19
CA LEU B 198 -21.45 -0.02 1.83
C LEU B 198 -21.97 -0.75 3.04
N ILE B 199 -21.19 -0.68 4.13
CA ILE B 199 -21.47 -1.38 5.36
C ILE B 199 -21.34 -0.33 6.44
N LYS B 200 -22.42 -0.21 7.21
CA LYS B 200 -22.47 0.73 8.31
C LYS B 200 -21.41 0.31 9.38
N PRO B 201 -20.91 1.28 10.20
CA PRO B 201 -19.83 1.04 11.16
C PRO B 201 -20.02 -0.24 11.97
N ILE B 202 -18.95 -1.02 12.09
CA ILE B 202 -18.94 -2.16 12.96
C ILE B 202 -18.03 -1.80 14.16
N THR B 203 -18.57 -1.87 15.37
CA THR B 203 -17.78 -1.49 16.57
C THR B 203 -17.50 -2.65 17.51
N GLY B 204 -18.12 -3.81 17.24
CA GLY B 204 -17.83 -5.01 18.01
C GLY B 204 -18.72 -6.09 17.47
N MET B 205 -18.78 -7.20 18.17
CA MET B 205 -19.51 -8.39 17.77
C MET B 205 -21.00 -8.18 17.59
N GLU B 206 -21.57 -7.33 18.45
CA GLU B 206 -23.01 -7.05 18.38
C GLU B 206 -23.38 -6.47 16.97
N ASP B 207 -22.69 -5.39 16.58
CA ASP B 207 -22.79 -4.79 15.26
C ASP B 207 -22.54 -5.81 14.10
N ALA B 208 -21.49 -6.63 14.19
CA ALA B 208 -21.16 -7.57 13.15
C ALA B 208 -22.28 -8.59 12.94
N GLY B 209 -22.91 -9.03 14.03
CA GLY B 209 -24.07 -9.93 13.93
C GLY B 209 -25.19 -9.30 13.12
N ALA B 210 -25.31 -7.98 13.24
CA ALA B 210 -26.38 -7.23 12.53
C ALA B 210 -26.07 -6.93 11.05
N LEU B 211 -24.80 -6.71 10.72
CA LEU B 211 -24.46 -6.07 9.46
C LEU B 211 -23.81 -6.97 8.43
N LEU B 212 -23.30 -8.12 8.88
CA LEU B 212 -22.54 -8.99 8.03
C LEU B 212 -23.38 -10.17 7.65
N ARG B 213 -23.28 -10.61 6.41
CA ARG B 213 -24.03 -11.76 5.99
C ARG B 213 -23.44 -13.12 6.43
N ALA B 214 -22.12 -13.23 6.59
CA ALA B 214 -21.53 -14.42 7.18
C ALA B 214 -21.63 -14.23 8.70
N ASP B 215 -21.59 -15.32 9.46
CA ASP B 215 -21.86 -15.19 10.90
C ASP B 215 -20.56 -15.16 11.68
N LEU B 216 -20.13 -13.97 12.09
CA LEU B 216 -18.86 -13.79 12.83
C LEU B 216 -18.83 -14.53 14.13
N LYS B 217 -19.99 -14.71 14.75
CA LYS B 217 -20.07 -15.29 16.07
C LYS B 217 -19.83 -16.80 15.96
N GLN B 218 -20.49 -17.43 15.00
CA GLN B 218 -20.30 -18.82 14.60
C GLN B 218 -18.82 -19.05 14.27
N HIS B 219 -18.19 -18.11 13.53
CA HIS B 219 -16.77 -18.23 13.16
C HIS B 219 -15.89 -18.21 14.41
N CYS B 220 -16.16 -17.30 15.35
CA CYS B 220 -15.34 -17.19 16.57
C CYS B 220 -15.57 -18.25 17.63
N PHE B 221 -16.79 -18.80 17.72
CA PHE B 221 -17.24 -19.70 18.79
C PHE B 221 -17.82 -21.01 18.23
N PHE B 222 -17.23 -21.50 17.16
CA PHE B 222 -17.77 -22.69 16.51
C PHE B 222 -17.94 -23.87 17.48
N SER B 223 -17.06 -24.00 18.48
CA SER B 223 -17.01 -25.24 19.31
C SER B 223 -18.17 -25.34 20.29
N GLU B 224 -18.76 -24.20 20.63
CA GLU B 224 -20.02 -24.15 21.36
C GLU B 224 -21.15 -24.89 20.68
N SER B 225 -20.97 -25.22 19.41
CA SER B 225 -22.01 -25.91 18.66
C SER B 225 -21.81 -27.40 18.68
N LEU B 226 -20.65 -27.83 19.21
CA LEU B 226 -20.38 -29.24 19.30
C LEU B 226 -20.99 -29.77 20.58
N ALA B 227 -21.33 -31.06 20.53
CA ALA B 227 -21.92 -31.76 21.65
C ALA B 227 -20.85 -32.47 22.51
ZN ZN C . 8.07 4.30 7.61
I IOD D . 5.92 2.39 10.11
I IOD E . -1.94 7.83 -1.28
ZN ZN F . -8.62 -2.34 -7.91
I IOD G . -5.55 -3.81 -9.89
#